data_3BUW
#
_entry.id   3BUW
#
_cell.length_a   63.793
_cell.length_b   104.809
_cell.length_c   52.778
_cell.angle_alpha   90.000
_cell.angle_beta   89.830
_cell.angle_gamma   90.000
#
_symmetry.space_group_name_H-M   'P 1 21 1'
#
loop_
_entity.id
_entity.type
_entity.pdbx_description
1 polymer '13-meric peptide from Tyrosine-protein kinase SYK'
2 polymer 'E3 ubiquitin-protein ligase CBL'
3 water water
#
loop_
_entity_poly.entity_id
_entity_poly.type
_entity_poly.pdbx_seq_one_letter_code
_entity_poly.pdbx_strand_id
1 'polypeptide(L)' TVSFNP(PTR)EPELAP A,C
2 'polypeptide(L)'
;GSLIGLMKDAFQPHHHHHHHLSPHPPGTVDKKMVEKCWKLMDKVVRLCQNPKLALKNSPPYILDLLPDTYQHLRTILSRY
EGKMETLGENEYFRVFMENLMKKTKQTISLFKEGKERMYEENSQPRRNLTKLSLIFSHMLAELKGIFPSGLFQGDTFRIT
KADAAEFWRKAFGEKTIVPWKSFRQALHEVHPISSGLEAMALKSTIDLTCNDYISVFEFDIFTRLFQPWSSLLRNWNSLA
VTHPGYMAFLTYDEVKARLQKFIHKPGSYIFRLSCTRLGQWAIGYVTADGNILQTIPHNKPLFQALIDGFREGFYLFPDG
RNQNPDLTG
;
B,D
#
# COMPACT_ATOMS: atom_id res chain seq x y z
N SER A 3 2.28 -19.83 24.86
CA SER A 3 3.37 -19.36 25.78
C SER A 3 3.55 -17.85 25.62
N PHE A 4 4.78 -17.39 25.82
CA PHE A 4 5.11 -15.99 25.70
C PHE A 4 6.57 -15.75 25.34
N ASN A 5 6.88 -14.55 24.87
CA ASN A 5 8.23 -14.20 24.48
C ASN A 5 9.01 -13.49 25.59
N PRO A 6 10.27 -13.85 25.78
CA PRO A 6 11.07 -13.21 26.83
C PRO A 6 11.56 -11.79 26.51
N PTR A 7 11.11 -10.84 27.32
CA PTR A 7 11.51 -9.45 27.19
C PTR A 7 12.41 -9.06 28.36
O PTR A 7 12.20 -9.49 29.48
CB PTR A 7 10.27 -8.56 27.15
CG PTR A 7 9.52 -8.64 25.83
CD1 PTR A 7 10.05 -8.03 24.66
CD2 PTR A 7 8.27 -9.33 25.76
CE1 PTR A 7 9.31 -8.14 23.45
CE2 PTR A 7 7.53 -9.44 24.56
CZ PTR A 7 8.07 -8.83 23.42
OH PTR A 7 7.33 -8.93 22.18
P PTR A 7 5.77 -9.40 21.97
O1P PTR A 7 5.66 -10.83 22.35
O2P PTR A 7 5.42 -9.22 20.55
O3P PTR A 7 4.86 -8.60 22.83
N GLU A 8 13.42 -8.23 28.09
CA GLU A 8 14.34 -7.81 29.13
C GLU A 8 13.80 -6.75 30.10
N PRO A 9 14.19 -6.82 31.38
CA PRO A 9 13.76 -5.89 32.42
C PRO A 9 14.36 -4.48 32.27
N GLU A 10 14.27 -3.68 33.33
CA GLU A 10 14.79 -2.32 33.31
C GLU A 10 16.30 -2.21 33.16
N LEU A 11 17.04 -2.75 34.13
CA LEU A 11 18.49 -2.73 34.11
C LEU A 11 19.10 -1.33 34.32
N PRO B 25 -22.17 1.28 5.82
CA PRO B 25 -21.40 0.40 6.68
C PRO B 25 -21.73 -1.09 6.44
N PRO B 26 -20.97 -1.99 7.08
CA PRO B 26 -21.20 -3.44 6.92
C PRO B 26 -22.65 -3.81 7.29
N GLY B 27 -23.17 -4.83 6.63
CA GLY B 27 -24.53 -5.27 6.91
C GLY B 27 -24.75 -5.67 8.35
N THR B 28 -26.02 -5.81 8.73
CA THR B 28 -26.37 -6.20 10.08
C THR B 28 -25.86 -7.58 10.47
N VAL B 29 -25.40 -7.72 11.70
CA VAL B 29 -24.90 -8.98 12.19
C VAL B 29 -25.94 -9.81 12.95
N ASP B 30 -26.25 -10.99 12.41
CA ASP B 30 -27.21 -11.87 13.04
C ASP B 30 -26.60 -13.21 13.44
N LYS B 31 -27.31 -13.96 14.28
CA LYS B 31 -26.83 -15.25 14.71
C LYS B 31 -26.27 -16.09 13.55
N LYS B 32 -26.84 -15.89 12.37
CA LYS B 32 -26.43 -16.59 11.17
C LYS B 32 -24.94 -16.42 10.81
N MET B 33 -24.58 -15.24 10.33
CA MET B 33 -23.19 -15.00 9.95
C MET B 33 -22.19 -15.31 11.05
N VAL B 34 -22.61 -15.14 12.30
CA VAL B 34 -21.74 -15.46 13.41
C VAL B 34 -21.34 -16.93 13.36
N GLU B 35 -22.32 -17.77 12.99
CA GLU B 35 -22.10 -19.19 12.85
C GLU B 35 -21.11 -19.47 11.73
N LYS B 36 -21.35 -18.85 10.59
CA LYS B 36 -20.48 -18.99 9.43
C LYS B 36 -19.07 -18.58 9.78
N CYS B 37 -18.96 -17.54 10.59
CA CYS B 37 -17.67 -17.05 11.01
C CYS B 37 -16.91 -18.09 11.83
N TRP B 38 -17.58 -18.64 12.84
CA TRP B 38 -16.95 -19.64 13.67
C TRP B 38 -16.50 -20.84 12.85
N LYS B 39 -17.30 -21.21 11.84
CA LYS B 39 -16.94 -22.32 10.99
C LYS B 39 -15.72 -22.02 10.13
N LEU B 40 -15.64 -20.77 9.67
CA LEU B 40 -14.48 -20.34 8.89
C LEU B 40 -13.23 -20.36 9.76
N MET B 41 -13.38 -19.88 11.00
CA MET B 41 -12.25 -19.91 11.92
C MET B 41 -11.84 -21.34 12.22
N ASP B 42 -12.84 -22.22 12.31
CA ASP B 42 -12.57 -23.62 12.55
C ASP B 42 -11.70 -24.20 11.46
N LYS B 43 -12.01 -23.84 10.22
CA LYS B 43 -11.23 -24.30 9.10
C LYS B 43 -9.79 -23.76 9.13
N VAL B 44 -9.63 -22.50 9.51
CA VAL B 44 -8.31 -21.96 9.60
C VAL B 44 -7.47 -22.72 10.63
N VAL B 45 -8.12 -23.08 11.74
CA VAL B 45 -7.46 -23.84 12.77
C VAL B 45 -6.98 -25.22 12.30
N ARG B 46 -7.87 -26.00 11.68
CA ARG B 46 -7.45 -27.30 11.21
C ARG B 46 -6.33 -27.16 10.18
N LEU B 47 -6.42 -26.10 9.39
CA LEU B 47 -5.40 -25.82 8.38
C LEU B 47 -4.04 -25.53 9.04
N CYS B 48 -4.08 -24.75 10.12
CA CYS B 48 -2.86 -24.38 10.83
C CYS B 48 -2.34 -25.45 11.78
N GLN B 49 -3.10 -26.52 11.96
CA GLN B 49 -2.67 -27.62 12.81
C GLN B 49 -1.80 -28.63 12.05
N ASN B 50 -1.60 -28.36 10.77
CA ASN B 50 -0.79 -29.22 9.91
C ASN B 50 0.65 -29.35 10.43
N PRO B 51 1.08 -30.57 10.78
CA PRO B 51 2.44 -30.77 11.29
C PRO B 51 3.54 -30.15 10.42
N LYS B 52 3.35 -30.18 9.10
CA LYS B 52 4.33 -29.61 8.20
C LYS B 52 4.68 -28.15 8.48
N LEU B 53 3.68 -27.38 8.92
CA LEU B 53 3.91 -25.97 9.23
C LEU B 53 4.90 -25.75 10.37
N ALA B 54 4.89 -26.65 11.33
CA ALA B 54 5.78 -26.55 12.46
C ALA B 54 5.68 -25.21 13.19
N LEU B 55 4.46 -24.67 13.24
CA LEU B 55 4.22 -23.39 13.91
C LEU B 55 4.63 -23.42 15.38
N LYS B 56 5.53 -22.52 15.76
CA LYS B 56 5.95 -22.47 17.15
C LYS B 56 5.00 -21.71 18.07
N ASN B 57 4.83 -22.22 19.28
CA ASN B 57 3.94 -21.61 20.24
C ASN B 57 4.51 -20.31 20.81
N SER B 58 4.49 -19.28 19.98
CA SER B 58 4.98 -17.96 20.33
C SER B 58 4.04 -16.86 19.85
N PRO B 59 3.76 -15.85 20.70
CA PRO B 59 2.87 -14.78 20.25
C PRO B 59 3.47 -14.05 19.04
N PRO B 60 2.68 -13.81 17.98
CA PRO B 60 1.28 -14.18 17.84
C PRO B 60 1.13 -15.63 17.40
N TYR B 61 0.33 -16.39 18.14
CA TYR B 61 0.10 -17.78 17.87
C TYR B 61 -1.33 -18.01 17.39
N ILE B 62 -1.49 -18.20 16.08
CA ILE B 62 -2.81 -18.38 15.51
C ILE B 62 -3.66 -19.49 16.12
N LEU B 63 -3.01 -20.57 16.55
CA LEU B 63 -3.74 -21.69 17.15
C LEU B 63 -4.41 -21.32 18.49
N ASP B 64 -3.93 -20.25 19.11
CA ASP B 64 -4.53 -19.74 20.34
C ASP B 64 -5.46 -18.57 20.05
N LEU B 65 -5.02 -17.70 19.15
CA LEU B 65 -5.77 -16.53 18.78
C LEU B 65 -7.17 -16.80 18.26
N LEU B 66 -7.33 -17.76 17.36
CA LEU B 66 -8.64 -18.05 16.84
C LEU B 66 -9.59 -18.63 17.88
N PRO B 67 -9.14 -19.66 18.63
CA PRO B 67 -10.04 -20.21 19.64
C PRO B 67 -10.39 -19.11 20.67
N ASP B 68 -9.40 -18.29 21.05
CA ASP B 68 -9.65 -17.21 21.99
C ASP B 68 -10.63 -16.16 21.46
N THR B 69 -10.60 -15.94 20.15
CA THR B 69 -11.52 -15.00 19.52
C THR B 69 -12.93 -15.58 19.54
N TYR B 70 -13.03 -16.87 19.26
CA TYR B 70 -14.29 -17.57 19.30
C TYR B 70 -14.87 -17.47 20.70
N GLN B 71 -14.02 -17.71 21.69
CA GLN B 71 -14.45 -17.64 23.06
C GLN B 71 -14.97 -16.26 23.47
N HIS B 72 -14.27 -15.21 23.07
CA HIS B 72 -14.74 -13.89 23.43
C HIS B 72 -16.04 -13.54 22.70
N LEU B 73 -16.17 -13.98 21.46
CA LEU B 73 -17.38 -13.75 20.71
C LEU B 73 -18.56 -14.46 21.37
N ARG B 74 -18.31 -15.67 21.87
CA ARG B 74 -19.35 -16.42 22.56
C ARG B 74 -19.83 -15.67 23.78
N THR B 75 -18.86 -15.07 24.48
CA THR B 75 -19.15 -14.30 25.66
C THR B 75 -20.01 -13.08 25.32
N ILE B 76 -19.62 -12.37 24.27
CA ILE B 76 -20.40 -11.22 23.83
C ILE B 76 -21.84 -11.60 23.52
N LEU B 77 -22.01 -12.66 22.72
CA LEU B 77 -23.35 -13.12 22.40
C LEU B 77 -24.14 -13.49 23.64
N SER B 78 -23.46 -14.04 24.63
CA SER B 78 -24.07 -14.42 25.88
C SER B 78 -24.66 -13.22 26.62
N ARG B 79 -23.91 -12.11 26.63
CA ARG B 79 -24.36 -10.91 27.28
C ARG B 79 -25.58 -10.27 26.62
N TYR B 80 -25.72 -10.50 25.32
CA TYR B 80 -26.83 -9.95 24.58
C TYR B 80 -27.95 -10.96 24.30
N GLU B 81 -28.12 -11.88 25.24
CA GLU B 81 -29.14 -12.90 25.14
C GLU B 81 -30.53 -12.32 24.86
N GLY B 82 -31.15 -12.76 23.77
CA GLY B 82 -32.46 -12.26 23.42
C GLY B 82 -32.40 -10.93 22.70
N LYS B 83 -31.58 -10.02 23.22
CA LYS B 83 -31.42 -8.71 22.61
C LYS B 83 -30.37 -8.66 21.50
N MET B 84 -30.40 -9.69 20.65
CA MET B 84 -29.46 -9.78 19.55
C MET B 84 -29.61 -8.66 18.52
N GLU B 85 -30.78 -8.03 18.47
CA GLU B 85 -31.01 -6.95 17.55
C GLU B 85 -30.10 -5.76 17.84
N THR B 86 -29.95 -5.43 19.12
CA THR B 86 -29.10 -4.35 19.53
C THR B 86 -27.64 -4.57 19.15
N LEU B 87 -27.15 -5.78 19.39
CA LEU B 87 -25.79 -6.15 19.06
C LEU B 87 -25.54 -6.18 17.55
N GLY B 88 -26.50 -6.74 16.82
CA GLY B 88 -26.37 -6.84 15.38
C GLY B 88 -26.38 -5.51 14.66
N GLU B 89 -26.91 -4.48 15.31
CA GLU B 89 -26.97 -3.16 14.72
C GLU B 89 -25.76 -2.28 15.08
N ASN B 90 -24.98 -2.72 16.05
CA ASN B 90 -23.81 -1.99 16.48
C ASN B 90 -22.79 -1.79 15.35
N GLU B 91 -22.53 -0.52 15.01
CA GLU B 91 -21.62 -0.17 13.95
C GLU B 91 -20.25 -0.87 14.03
N TYR B 92 -19.59 -0.76 15.17
CA TYR B 92 -18.31 -1.40 15.32
C TYR B 92 -18.38 -2.91 15.17
N PHE B 93 -19.37 -3.53 15.84
CA PHE B 93 -19.51 -4.97 15.75
C PHE B 93 -19.70 -5.45 14.32
N ARG B 94 -20.51 -4.74 13.57
CA ARG B 94 -20.74 -5.10 12.18
C ARG B 94 -19.46 -5.02 11.36
N VAL B 95 -18.66 -3.98 11.61
CA VAL B 95 -17.41 -3.85 10.91
C VAL B 95 -16.44 -4.95 11.31
N PHE B 96 -16.41 -5.25 12.61
CA PHE B 96 -15.53 -6.28 13.09
C PHE B 96 -15.83 -7.64 12.49
N MET B 97 -17.10 -8.04 12.54
CA MET B 97 -17.50 -9.31 11.99
C MET B 97 -17.25 -9.41 10.48
N GLU B 98 -17.48 -8.32 9.77
CA GLU B 98 -17.21 -8.31 8.34
C GLU B 98 -15.73 -8.57 8.07
N ASN B 99 -14.87 -7.91 8.86
CA ASN B 99 -13.45 -8.09 8.70
C ASN B 99 -13.00 -9.49 9.12
N LEU B 100 -13.61 -10.03 10.18
CA LEU B 100 -13.26 -11.37 10.62
C LEU B 100 -13.55 -12.40 9.54
N MET B 101 -14.68 -12.22 8.86
CA MET B 101 -15.04 -13.10 7.77
C MET B 101 -14.06 -12.95 6.61
N LYS B 102 -13.74 -11.71 6.29
CA LYS B 102 -12.80 -11.42 5.21
C LYS B 102 -11.39 -11.98 5.49
N LYS B 103 -10.90 -11.77 6.71
CA LYS B 103 -9.59 -12.24 7.10
C LYS B 103 -9.48 -13.77 7.17
N THR B 104 -10.51 -14.44 7.66
CA THR B 104 -10.48 -15.88 7.69
C THR B 104 -10.52 -16.46 6.27
N LYS B 105 -11.35 -15.86 5.42
CA LYS B 105 -11.40 -16.29 4.03
C LYS B 105 -10.05 -16.11 3.34
N GLN B 106 -9.39 -14.98 3.62
CA GLN B 106 -8.07 -14.71 3.05
C GLN B 106 -7.06 -15.77 3.46
N THR B 107 -7.11 -16.17 4.72
CA THR B 107 -6.21 -17.17 5.23
C THR B 107 -6.47 -18.53 4.58
N ILE B 108 -7.74 -18.87 4.41
CA ILE B 108 -8.09 -20.12 3.75
C ILE B 108 -7.61 -20.13 2.30
N SER B 109 -7.81 -19.00 1.62
CA SER B 109 -7.37 -18.86 0.25
C SER B 109 -5.85 -18.95 0.14
N LEU B 110 -5.17 -18.42 1.16
CA LEU B 110 -3.71 -18.45 1.19
C LEU B 110 -3.19 -19.89 1.16
N PHE B 111 -3.79 -20.75 1.96
CA PHE B 111 -3.41 -22.14 2.02
C PHE B 111 -3.69 -22.90 0.72
N LYS B 112 -4.88 -22.71 0.16
CA LYS B 112 -5.24 -23.41 -1.06
C LYS B 112 -4.42 -23.01 -2.28
N GLU B 113 -3.98 -21.76 -2.31
CA GLU B 113 -3.18 -21.26 -3.42
C GLU B 113 -1.67 -21.34 -3.17
N GLY B 114 -1.28 -21.29 -1.91
CA GLY B 114 0.13 -21.37 -1.57
C GLY B 114 0.63 -22.80 -1.68
N LYS B 115 -0.28 -23.75 -1.50
CA LYS B 115 0.05 -25.16 -1.58
C LYS B 115 1.25 -25.58 -0.73
N GLU B 116 2.17 -26.34 -1.34
CA GLU B 116 3.35 -26.81 -0.64
C GLU B 116 4.27 -25.70 -0.12
N ARG B 117 4.19 -24.52 -0.71
CA ARG B 117 5.01 -23.40 -0.28
C ARG B 117 4.73 -22.94 1.15
N MET B 118 3.54 -23.27 1.65
CA MET B 118 3.16 -22.91 3.01
C MET B 118 4.10 -23.53 4.05
N TYR B 119 4.61 -24.72 3.73
CA TYR B 119 5.50 -25.43 4.61
C TYR B 119 6.96 -25.02 4.43
N GLU B 120 7.22 -24.28 3.37
CA GLU B 120 8.55 -23.80 3.07
C GLU B 120 8.89 -22.51 3.80
N GLU B 121 9.68 -22.62 4.86
CA GLU B 121 10.07 -21.45 5.61
C GLU B 121 10.73 -20.38 4.73
N ASN B 122 10.46 -19.12 5.06
CA ASN B 122 11.01 -17.99 4.32
C ASN B 122 10.23 -17.66 3.04
N SER B 123 9.25 -18.48 2.70
CA SER B 123 8.44 -18.25 1.51
C SER B 123 7.43 -17.13 1.72
N GLN B 124 6.98 -16.52 0.62
CA GLN B 124 6.00 -15.45 0.72
C GLN B 124 4.67 -15.88 1.32
N PRO B 125 4.15 -17.05 0.92
CA PRO B 125 2.87 -17.49 1.50
C PRO B 125 3.01 -17.60 3.03
N ARG B 126 4.15 -18.12 3.48
CA ARG B 126 4.37 -18.25 4.90
C ARG B 126 4.48 -16.89 5.58
N ARG B 127 5.18 -15.95 4.95
CA ARG B 127 5.28 -14.61 5.48
C ARG B 127 3.89 -14.00 5.59
N ASN B 128 3.06 -14.26 4.58
CA ASN B 128 1.71 -13.77 4.58
C ASN B 128 0.90 -14.34 5.75
N LEU B 129 1.15 -15.60 6.08
CA LEU B 129 0.47 -16.20 7.20
C LEU B 129 0.88 -15.54 8.51
N THR B 130 2.17 -15.24 8.63
CA THR B 130 2.67 -14.56 9.80
C THR B 130 2.01 -13.18 9.97
N LYS B 131 1.94 -12.42 8.88
CA LYS B 131 1.29 -11.12 8.98
C LYS B 131 -0.17 -11.26 9.39
N LEU B 132 -0.85 -12.25 8.81
CA LEU B 132 -2.24 -12.48 9.18
C LEU B 132 -2.38 -12.86 10.64
N SER B 133 -1.39 -13.58 11.16
CA SER B 133 -1.41 -13.95 12.56
C SER B 133 -1.35 -12.70 13.43
N LEU B 134 -0.52 -11.73 13.04
CA LEU B 134 -0.44 -10.46 13.76
C LEU B 134 -1.76 -9.73 13.69
N ILE B 135 -2.36 -9.72 12.50
CA ILE B 135 -3.64 -9.07 12.32
C ILE B 135 -4.71 -9.67 13.25
N PHE B 136 -4.77 -11.01 13.30
CA PHE B 136 -5.71 -11.66 14.19
C PHE B 136 -5.46 -11.27 15.65
N SER B 137 -4.17 -11.12 15.99
CA SER B 137 -3.82 -10.71 17.34
C SER B 137 -4.35 -9.29 17.62
N HIS B 138 -4.11 -8.39 16.67
CA HIS B 138 -4.58 -7.03 16.80
C HIS B 138 -6.12 -6.96 16.88
N MET B 139 -6.77 -7.78 16.06
CA MET B 139 -8.20 -7.84 16.05
C MET B 139 -8.79 -8.29 17.38
N LEU B 140 -8.19 -9.33 17.97
CA LEU B 140 -8.66 -9.79 19.25
C LEU B 140 -8.44 -8.73 20.34
N ALA B 141 -7.29 -8.08 20.32
CA ALA B 141 -7.01 -7.03 21.27
C ALA B 141 -8.03 -5.90 21.17
N GLU B 142 -8.36 -5.52 19.94
CA GLU B 142 -9.33 -4.48 19.70
C GLU B 142 -10.72 -4.88 20.21
N LEU B 143 -11.12 -6.12 19.90
CA LEU B 143 -12.41 -6.62 20.33
C LEU B 143 -12.56 -6.61 21.85
N LYS B 144 -11.49 -7.00 22.54
CA LYS B 144 -11.52 -6.99 24.00
C LYS B 144 -11.44 -5.58 24.57
N GLY B 145 -10.87 -4.66 23.81
CA GLY B 145 -10.77 -3.28 24.25
C GLY B 145 -12.12 -2.59 24.16
N ILE B 146 -12.91 -2.98 23.16
CA ILE B 146 -14.22 -2.40 22.95
C ILE B 146 -15.32 -3.13 23.74
N PHE B 147 -15.17 -4.44 23.86
CA PHE B 147 -16.10 -5.30 24.59
C PHE B 147 -15.47 -5.95 25.82
N PRO B 148 -14.96 -5.14 26.76
CA PRO B 148 -14.37 -5.79 27.94
C PRO B 148 -15.52 -6.52 28.68
N SER B 149 -15.30 -7.80 28.98
CA SER B 149 -16.31 -8.59 29.68
C SER B 149 -17.55 -8.95 28.86
N GLY B 150 -17.50 -8.72 27.56
CA GLY B 150 -18.63 -9.06 26.70
C GLY B 150 -19.63 -7.98 26.35
N LEU B 151 -19.65 -6.89 27.12
CA LEU B 151 -20.58 -5.81 26.85
C LEU B 151 -19.95 -4.64 26.10
N PHE B 152 -20.71 -4.05 25.18
CA PHE B 152 -20.20 -2.93 24.40
C PHE B 152 -19.82 -1.70 25.20
N GLN B 153 -18.57 -1.28 25.11
CA GLN B 153 -18.09 -0.10 25.80
C GLN B 153 -17.36 0.88 24.90
N GLY B 154 -17.62 0.79 23.59
CA GLY B 154 -16.97 1.67 22.65
C GLY B 154 -17.25 3.15 22.88
N ASP B 155 -18.49 3.46 23.21
CA ASP B 155 -18.90 4.85 23.44
C ASP B 155 -18.18 5.56 24.58
N THR B 156 -17.60 4.79 25.50
CA THR B 156 -16.88 5.36 26.63
C THR B 156 -15.41 4.96 26.68
N PHE B 157 -14.90 4.47 25.56
CA PHE B 157 -13.51 4.07 25.49
C PHE B 157 -12.57 5.18 25.94
N ARG B 158 -11.59 4.83 26.77
CA ARG B 158 -10.64 5.78 27.30
C ARG B 158 -9.30 5.88 26.57
N ILE B 159 -9.16 6.89 25.72
CA ILE B 159 -7.90 7.10 25.03
C ILE B 159 -6.81 7.55 26.03
N THR B 160 -5.71 6.83 26.05
CA THR B 160 -4.60 7.08 26.97
C THR B 160 -4.07 8.52 27.07
N LYS B 161 -3.66 9.09 25.94
CA LYS B 161 -3.14 10.44 25.94
C LYS B 161 -4.23 11.51 25.89
N ALA B 162 -4.19 12.45 26.83
CA ALA B 162 -5.17 13.51 26.94
C ALA B 162 -5.42 14.32 25.67
N ASP B 163 -4.34 14.74 25.03
CA ASP B 163 -4.44 15.50 23.80
C ASP B 163 -5.14 14.71 22.69
N ALA B 164 -4.74 13.45 22.56
CA ALA B 164 -5.34 12.58 21.57
C ALA B 164 -6.82 12.35 21.86
N ALA B 165 -7.13 12.17 23.14
CA ALA B 165 -8.50 11.97 23.55
C ALA B 165 -9.39 13.16 23.16
N GLU B 166 -8.86 14.36 23.41
CA GLU B 166 -9.56 15.58 23.07
C GLU B 166 -9.88 15.64 21.57
N PHE B 167 -8.88 15.34 20.75
CA PHE B 167 -9.08 15.35 19.32
C PHE B 167 -10.17 14.40 18.85
N TRP B 168 -10.12 13.15 19.31
CA TRP B 168 -11.15 12.20 18.92
C TRP B 168 -12.56 12.67 19.30
N ARG B 169 -12.67 13.20 20.51
CA ARG B 169 -13.95 13.70 20.99
C ARG B 169 -14.46 14.85 20.11
N LYS B 170 -13.57 15.79 19.81
CA LYS B 170 -13.94 16.92 18.97
C LYS B 170 -14.37 16.51 17.56
N ALA B 171 -13.58 15.64 16.93
CA ALA B 171 -13.86 15.20 15.59
C ALA B 171 -14.95 14.15 15.43
N PHE B 172 -14.99 13.18 16.33
CA PHE B 172 -15.94 12.11 16.22
C PHE B 172 -16.86 11.86 17.41
N GLY B 173 -16.86 12.76 18.38
CA GLY B 173 -17.71 12.56 19.54
C GLY B 173 -17.44 11.24 20.23
N GLU B 174 -18.48 10.44 20.40
CA GLU B 174 -18.34 9.15 21.05
C GLU B 174 -18.30 7.96 20.10
N LYS B 175 -18.05 8.22 18.82
CA LYS B 175 -17.97 7.16 17.84
C LYS B 175 -16.85 6.17 18.15
N THR B 176 -17.10 4.90 17.83
CA THR B 176 -16.13 3.86 18.07
C THR B 176 -15.28 3.55 16.86
N ILE B 177 -15.84 3.81 15.68
CA ILE B 177 -15.16 3.55 14.44
C ILE B 177 -15.54 4.51 13.31
N VAL B 178 -14.57 4.87 12.48
CA VAL B 178 -14.81 5.75 11.36
C VAL B 178 -14.06 5.29 10.11
N PRO B 179 -14.61 5.58 8.92
CA PRO B 179 -13.93 5.17 7.69
C PRO B 179 -12.60 5.90 7.57
N TRP B 180 -11.62 5.26 6.96
CA TRP B 180 -10.32 5.89 6.77
C TRP B 180 -10.42 7.32 6.20
N LYS B 181 -11.22 7.47 5.15
CA LYS B 181 -11.39 8.77 4.52
C LYS B 181 -11.76 9.86 5.52
N SER B 182 -12.73 9.56 6.37
CA SER B 182 -13.17 10.49 7.39
C SER B 182 -12.07 10.80 8.40
N PHE B 183 -11.35 9.77 8.83
CA PHE B 183 -10.26 9.96 9.76
C PHE B 183 -9.17 10.83 9.20
N ARG B 184 -8.73 10.52 7.97
CA ARG B 184 -7.70 11.29 7.30
C ARG B 184 -8.07 12.77 7.20
N GLN B 185 -9.28 13.04 6.72
CA GLN B 185 -9.74 14.40 6.60
C GLN B 185 -9.73 15.14 7.94
N ALA B 186 -10.26 14.49 8.96
CA ALA B 186 -10.31 15.05 10.29
C ALA B 186 -8.92 15.33 10.89
N LEU B 187 -8.02 14.36 10.79
CA LEU B 187 -6.69 14.52 11.31
C LEU B 187 -5.92 15.63 10.59
N HIS B 188 -6.10 15.71 9.28
CA HIS B 188 -5.42 16.71 8.47
C HIS B 188 -5.67 18.15 8.94
N GLU B 189 -6.83 18.39 9.55
CA GLU B 189 -7.17 19.72 10.04
C GLU B 189 -6.29 20.21 11.21
N VAL B 190 -5.77 19.27 11.98
CA VAL B 190 -4.91 19.58 13.12
C VAL B 190 -3.45 19.21 12.87
N HIS B 191 -3.24 18.10 12.18
CA HIS B 191 -1.92 17.62 11.81
C HIS B 191 -1.84 17.39 10.31
N PRO B 192 -1.49 18.44 9.56
CA PRO B 192 -1.39 18.36 8.10
C PRO B 192 -0.58 17.20 7.53
N ILE B 193 -1.19 16.51 6.58
CA ILE B 193 -0.56 15.43 5.88
C ILE B 193 -0.02 16.01 4.56
N SER B 194 1.29 15.89 4.36
CA SER B 194 1.91 16.48 3.20
C SER B 194 1.64 15.91 1.82
N SER B 195 1.29 14.64 1.73
CA SER B 195 1.06 14.07 0.42
C SER B 195 0.21 12.82 0.40
N GLY B 196 -0.16 12.39 -0.80
CA GLY B 196 -0.95 11.20 -0.94
C GLY B 196 -0.16 9.98 -0.50
N LEU B 197 1.10 9.90 -0.88
CA LEU B 197 1.91 8.77 -0.47
C LEU B 197 2.10 8.75 1.06
N GLU B 198 2.20 9.92 1.67
CA GLU B 198 2.33 9.97 3.11
C GLU B 198 1.05 9.47 3.77
N ALA B 199 -0.10 9.84 3.20
CA ALA B 199 -1.38 9.38 3.72
C ALA B 199 -1.50 7.86 3.65
N MET B 200 -1.02 7.28 2.55
CA MET B 200 -1.05 5.84 2.42
C MET B 200 -0.12 5.17 3.43
N ALA B 201 1.03 5.77 3.69
CA ALA B 201 1.95 5.22 4.67
C ALA B 201 1.33 5.31 6.06
N LEU B 202 0.61 6.40 6.30
CA LEU B 202 -0.06 6.59 7.57
C LEU B 202 -1.14 5.53 7.77
N LYS B 203 -1.97 5.34 6.75
CA LYS B 203 -3.00 4.33 6.84
C LYS B 203 -2.44 2.95 7.13
N SER B 204 -1.38 2.58 6.44
CA SER B 204 -0.75 1.30 6.66
C SER B 204 -0.27 1.11 8.10
N THR B 205 0.15 2.21 8.72
CA THR B 205 0.64 2.18 10.07
C THR B 205 -0.44 2.08 11.15
N ILE B 206 -1.49 2.89 11.01
CA ILE B 206 -2.57 2.92 11.99
C ILE B 206 -3.63 1.82 11.84
N ASP B 207 -3.90 1.43 10.59
CA ASP B 207 -4.90 0.41 10.33
C ASP B 207 -4.41 -1.00 10.67
N LEU B 208 -4.25 -1.27 11.98
CA LEU B 208 -3.75 -2.54 12.45
C LEU B 208 -4.62 -3.74 12.07
N THR B 209 -5.93 -3.55 12.01
CA THR B 209 -6.82 -4.65 11.65
C THR B 209 -7.03 -4.78 10.14
N CYS B 210 -6.37 -3.89 9.40
CA CYS B 210 -6.42 -3.87 7.94
C CYS B 210 -7.83 -3.98 7.36
N ASN B 211 -8.72 -3.10 7.84
CA ASN B 211 -10.09 -3.09 7.37
C ASN B 211 -10.59 -1.76 6.77
N ASP B 212 -9.67 -0.83 6.51
CA ASP B 212 -10.00 0.46 5.92
C ASP B 212 -10.83 1.39 6.82
N TYR B 213 -10.88 1.03 8.09
CA TYR B 213 -11.55 1.79 9.11
C TYR B 213 -10.58 2.09 10.23
N ILE B 214 -10.84 3.13 11.00
CA ILE B 214 -10.01 3.46 12.14
C ILE B 214 -10.86 3.44 13.40
N SER B 215 -10.58 2.50 14.29
CA SER B 215 -11.31 2.42 15.53
C SER B 215 -10.69 3.31 16.60
N VAL B 216 -11.48 3.68 17.60
CA VAL B 216 -10.95 4.49 18.66
C VAL B 216 -9.76 3.78 19.32
N PHE B 217 -9.81 2.44 19.29
CA PHE B 217 -8.76 1.61 19.83
C PHE B 217 -7.46 1.75 19.02
N GLU B 218 -7.58 1.61 17.70
CA GLU B 218 -6.42 1.78 16.84
C GLU B 218 -5.81 3.16 16.98
N PHE B 219 -6.66 4.17 17.14
CA PHE B 219 -6.21 5.53 17.34
C PHE B 219 -5.40 5.67 18.63
N ASP B 220 -5.91 5.06 19.69
CA ASP B 220 -5.23 5.07 20.97
C ASP B 220 -3.84 4.44 20.85
N ILE B 221 -3.76 3.31 20.16
CA ILE B 221 -2.49 2.65 19.97
C ILE B 221 -1.49 3.54 19.23
N PHE B 222 -1.92 4.09 18.09
CA PHE B 222 -1.06 4.95 17.30
C PHE B 222 -0.56 6.18 18.06
N THR B 223 -1.48 6.88 18.73
CA THR B 223 -1.09 8.05 19.48
C THR B 223 -0.18 7.73 20.67
N ARG B 224 -0.26 6.52 21.19
CA ARG B 224 0.62 6.15 22.27
C ARG B 224 2.03 5.86 21.73
N LEU B 225 2.06 5.12 20.63
CA LEU B 225 3.33 4.78 19.99
C LEU B 225 4.08 5.99 19.46
N PHE B 226 3.34 6.95 18.91
CA PHE B 226 3.97 8.10 18.32
C PHE B 226 3.82 9.41 19.06
N GLN B 227 3.64 9.32 20.36
CA GLN B 227 3.55 10.50 21.20
C GLN B 227 4.90 11.24 21.21
N PRO B 228 4.90 12.53 21.58
CA PRO B 228 3.78 13.38 22.00
C PRO B 228 2.90 13.84 20.84
N TRP B 229 1.62 14.04 21.15
CA TRP B 229 0.63 14.49 20.19
C TRP B 229 0.96 15.81 19.49
N SER B 230 1.58 16.75 20.21
CA SER B 230 1.92 18.04 19.64
C SER B 230 2.70 17.96 18.32
N SER B 231 3.52 16.92 18.18
CA SER B 231 4.30 16.72 16.96
C SER B 231 4.09 15.33 16.36
N LEU B 232 2.90 14.79 16.62
CA LEU B 232 2.48 13.46 16.18
C LEU B 232 3.05 12.95 14.85
N LEU B 233 2.70 13.62 13.75
CA LEU B 233 3.18 13.18 12.46
C LEU B 233 4.67 13.38 12.22
N ARG B 234 5.25 14.38 12.86
CA ARG B 234 6.67 14.59 12.75
C ARG B 234 7.39 13.43 13.43
N ASN B 235 6.83 12.99 14.54
CA ASN B 235 7.38 11.86 15.27
C ASN B 235 7.30 10.58 14.45
N TRP B 236 6.12 10.35 13.88
CA TRP B 236 5.91 9.18 13.05
C TRP B 236 6.81 9.19 11.81
N ASN B 237 7.00 10.37 11.23
CA ASN B 237 7.86 10.46 10.08
C ASN B 237 9.32 10.08 10.42
N SER B 238 9.80 10.59 11.55
CA SER B 238 11.16 10.34 11.99
C SER B 238 11.40 8.93 12.52
N LEU B 239 10.38 8.34 13.14
CA LEU B 239 10.51 7.01 13.72
C LEU B 239 10.11 5.85 12.82
N ALA B 240 9.29 6.13 11.81
CA ALA B 240 8.84 5.06 10.95
C ALA B 240 8.98 5.30 9.46
N VAL B 241 8.53 6.46 8.98
CA VAL B 241 8.59 6.74 7.57
C VAL B 241 9.99 6.74 6.95
N THR B 242 10.95 7.30 7.68
CA THR B 242 12.31 7.39 7.18
C THR B 242 13.37 6.67 8.04
N HIS B 243 12.93 5.92 9.04
CA HIS B 243 13.87 5.22 9.91
C HIS B 243 14.11 3.77 9.50
N PRO B 244 15.36 3.43 9.16
CA PRO B 244 15.64 2.05 8.75
C PRO B 244 15.43 0.99 9.83
N GLY B 245 15.35 1.42 11.09
CA GLY B 245 15.18 0.47 12.17
C GLY B 245 13.76 -0.01 12.38
N TYR B 246 12.79 0.76 11.87
CA TYR B 246 11.39 0.41 12.04
C TYR B 246 10.94 -0.77 11.19
N MET B 247 10.30 -1.74 11.84
CA MET B 247 9.81 -2.91 11.15
C MET B 247 8.31 -3.07 11.31
N ALA B 248 7.54 -2.67 10.30
CA ALA B 248 6.10 -2.75 10.39
C ALA B 248 5.58 -4.06 11.02
N PHE B 249 4.68 -4.74 10.33
CA PHE B 249 4.12 -5.98 10.83
C PHE B 249 5.10 -7.13 11.08
N LEU B 250 6.02 -6.95 12.02
CA LEU B 250 6.99 -8.01 12.36
C LEU B 250 6.76 -8.59 13.75
N THR B 251 7.06 -9.87 13.90
CA THR B 251 6.91 -10.54 15.19
C THR B 251 8.23 -10.69 15.96
N TYR B 252 8.12 -11.10 17.21
CA TYR B 252 9.26 -11.33 18.06
C TYR B 252 10.27 -12.28 17.42
N ASP B 253 9.77 -13.42 16.93
CA ASP B 253 10.65 -14.38 16.29
C ASP B 253 11.27 -13.85 15.00
N GLU B 254 10.50 -13.08 14.24
CA GLU B 254 11.05 -12.50 13.03
C GLU B 254 12.18 -11.52 13.30
N VAL B 255 12.09 -10.77 14.40
CA VAL B 255 13.15 -9.86 14.76
C VAL B 255 14.44 -10.63 15.08
N LYS B 256 14.30 -11.72 15.83
CA LYS B 256 15.44 -12.55 16.17
C LYS B 256 16.09 -13.10 14.90
N ALA B 257 15.27 -13.52 13.94
CA ALA B 257 15.76 -14.03 12.69
C ALA B 257 16.43 -12.97 11.83
N ARG B 258 15.87 -11.76 11.81
CA ARG B 258 16.43 -10.69 11.02
C ARG B 258 17.76 -10.16 11.54
N LEU B 259 17.93 -10.16 12.86
CA LEU B 259 19.17 -9.70 13.45
C LEU B 259 20.29 -10.74 13.44
N GLN B 260 19.95 -11.98 13.13
CA GLN B 260 20.96 -13.03 13.09
C GLN B 260 22.14 -12.72 12.15
N LYS B 261 21.86 -12.10 11.01
CA LYS B 261 22.93 -11.77 10.09
C LYS B 261 23.91 -10.73 10.65
N PHE B 262 23.49 -10.06 11.71
CA PHE B 262 24.31 -9.07 12.37
C PHE B 262 24.82 -9.55 13.74
N ILE B 263 24.85 -10.86 13.94
CA ILE B 263 25.27 -11.41 15.20
C ILE B 263 26.69 -11.03 15.63
N HIS B 264 27.54 -10.72 14.67
CA HIS B 264 28.90 -10.32 14.96
C HIS B 264 29.09 -8.80 14.94
N LYS B 265 27.96 -8.09 14.92
CA LYS B 265 27.97 -6.65 14.92
C LYS B 265 27.14 -6.07 16.06
N PRO B 266 27.66 -6.15 17.29
CA PRO B 266 26.96 -5.62 18.46
C PRO B 266 26.51 -4.17 18.24
N GLY B 267 25.30 -3.85 18.68
CA GLY B 267 24.79 -2.51 18.48
C GLY B 267 23.76 -2.48 17.36
N SER B 268 23.69 -3.54 16.56
CA SER B 268 22.71 -3.60 15.51
C SER B 268 21.33 -3.74 16.15
N TYR B 269 20.36 -2.97 15.66
CA TYR B 269 19.05 -3.02 16.26
C TYR B 269 17.91 -2.68 15.32
N ILE B 270 16.73 -3.12 15.71
CA ILE B 270 15.48 -2.84 15.00
C ILE B 270 14.35 -2.73 16.02
N PHE B 271 13.24 -2.12 15.61
CA PHE B 271 12.13 -2.00 16.52
C PHE B 271 10.78 -2.18 15.84
N ARG B 272 9.79 -2.55 16.62
CA ARG B 272 8.48 -2.85 16.10
C ARG B 272 7.41 -2.75 17.18
N LEU B 273 6.17 -2.89 16.78
CA LEU B 273 5.11 -2.89 17.75
C LEU B 273 5.08 -4.20 18.54
N SER B 274 5.00 -4.10 19.87
CA SER B 274 4.85 -5.29 20.66
C SER B 274 3.45 -5.88 20.38
N CYS B 275 3.32 -7.18 20.23
CA CYS B 275 2.00 -7.69 19.97
C CYS B 275 1.21 -8.03 21.24
N THR B 276 1.92 -8.36 22.32
CA THR B 276 1.25 -8.68 23.57
C THR B 276 0.98 -7.46 24.46
N ARG B 277 1.67 -6.37 24.15
CA ARG B 277 1.52 -5.11 24.85
C ARG B 277 1.26 -3.99 23.82
N LEU B 278 0.13 -4.10 23.14
CA LEU B 278 -0.24 -3.12 22.12
C LEU B 278 -0.19 -1.69 22.59
N GLY B 279 0.48 -0.85 21.81
CA GLY B 279 0.61 0.55 22.18
C GLY B 279 2.02 0.81 22.66
N GLN B 280 2.77 -0.29 22.87
CA GLN B 280 4.15 -0.19 23.31
C GLN B 280 5.14 -0.76 22.29
N TRP B 281 6.37 -0.26 22.35
CA TRP B 281 7.42 -0.68 21.45
C TRP B 281 8.28 -1.81 21.96
N ALA B 282 8.76 -2.63 21.02
CA ALA B 282 9.67 -3.70 21.33
C ALA B 282 10.95 -3.47 20.54
N ILE B 283 12.05 -3.20 21.24
CA ILE B 283 13.32 -2.95 20.59
C ILE B 283 14.24 -4.17 20.67
N GLY B 284 14.73 -4.63 19.53
CA GLY B 284 15.62 -5.78 19.54
C GLY B 284 17.02 -5.36 19.17
N TYR B 285 18.03 -5.95 19.81
CA TYR B 285 19.40 -5.60 19.50
C TYR B 285 20.39 -6.73 19.76
N VAL B 286 21.55 -6.60 19.12
CA VAL B 286 22.63 -7.56 19.27
C VAL B 286 23.59 -7.12 20.38
N THR B 287 23.80 -8.00 21.36
CA THR B 287 24.70 -7.70 22.46
C THR B 287 26.16 -8.02 22.13
N ALA B 288 27.07 -7.56 22.98
CA ALA B 288 28.47 -7.82 22.78
C ALA B 288 28.81 -9.32 22.82
N ASP B 289 28.09 -10.07 23.64
CA ASP B 289 28.32 -11.50 23.77
C ASP B 289 27.57 -12.39 22.76
N GLY B 290 27.01 -11.78 21.72
CA GLY B 290 26.34 -12.56 20.71
C GLY B 290 24.92 -13.02 20.98
N ASN B 291 24.17 -12.23 21.76
CA ASN B 291 22.80 -12.57 22.02
C ASN B 291 21.86 -11.54 21.42
N ILE B 292 20.65 -11.97 21.07
CA ILE B 292 19.67 -11.07 20.55
C ILE B 292 18.56 -10.86 21.57
N LEU B 293 18.56 -9.68 22.17
CA LEU B 293 17.59 -9.36 23.20
C LEU B 293 16.56 -8.33 22.77
N GLN B 294 15.37 -8.45 23.34
CA GLN B 294 14.32 -7.51 23.04
C GLN B 294 13.74 -6.92 24.31
N THR B 295 13.51 -5.61 24.28
CA THR B 295 12.99 -4.93 25.45
C THR B 295 11.86 -3.96 25.12
N ILE B 296 10.95 -3.81 26.06
CA ILE B 296 9.84 -2.88 25.93
C ILE B 296 10.07 -1.70 26.88
N PRO B 297 10.41 -0.52 26.34
CA PRO B 297 10.67 0.68 27.13
C PRO B 297 9.80 0.89 28.36
N HIS B 298 10.42 1.25 29.47
CA HIS B 298 9.72 1.49 30.72
C HIS B 298 9.56 2.97 31.06
N ASN B 299 8.32 3.45 31.01
CA ASN B 299 8.02 4.84 31.33
C ASN B 299 8.83 5.86 30.51
N LYS B 300 8.80 5.73 29.20
CA LYS B 300 9.51 6.65 28.32
C LYS B 300 9.18 6.49 26.84
N PRO B 301 8.98 7.61 26.12
CA PRO B 301 8.65 7.60 24.69
C PRO B 301 9.80 7.00 23.88
N LEU B 302 9.50 6.56 22.66
CA LEU B 302 10.52 5.94 21.83
C LEU B 302 11.76 6.81 21.59
N PHE B 303 11.56 8.10 21.40
CA PHE B 303 12.68 9.00 21.19
C PHE B 303 13.75 8.87 22.28
N GLN B 304 13.30 8.93 23.53
CA GLN B 304 14.21 8.82 24.65
C GLN B 304 14.86 7.45 24.75
N ALA B 305 14.09 6.40 24.48
CA ALA B 305 14.63 5.06 24.53
C ALA B 305 15.75 4.88 23.50
N LEU B 306 15.50 5.36 22.29
CA LEU B 306 16.49 5.27 21.23
C LEU B 306 17.73 6.13 21.46
N ILE B 307 17.52 7.34 21.94
CA ILE B 307 18.63 8.24 22.22
C ILE B 307 19.51 7.69 23.35
N ASP B 308 18.88 7.23 24.42
CA ASP B 308 19.62 6.66 25.52
C ASP B 308 20.35 5.38 25.14
N GLY B 309 19.67 4.53 24.37
CA GLY B 309 20.27 3.28 23.92
C GLY B 309 21.41 3.54 22.97
N PHE B 310 21.31 4.62 22.21
CA PHE B 310 22.38 5.00 21.31
C PHE B 310 23.65 5.33 22.08
N ARG B 311 23.51 6.21 23.06
CA ARG B 311 24.64 6.59 23.88
C ARG B 311 25.26 5.40 24.62
N GLU B 312 24.40 4.53 25.15
CA GLU B 312 24.86 3.34 25.86
C GLU B 312 25.64 2.35 24.97
N GLY B 313 25.27 2.32 23.69
CA GLY B 313 25.93 1.43 22.75
C GLY B 313 25.06 0.26 22.29
N PHE B 314 23.83 0.20 22.77
CA PHE B 314 22.93 -0.89 22.39
C PHE B 314 22.23 -0.67 21.04
N TYR B 315 21.85 0.58 20.77
CA TYR B 315 21.16 0.90 19.53
C TYR B 315 21.99 1.82 18.64
N LEU B 316 22.98 1.23 17.97
CA LEU B 316 23.87 1.99 17.10
C LEU B 316 23.64 1.86 15.60
N PHE B 317 23.35 0.64 15.15
CA PHE B 317 23.17 0.39 13.74
C PHE B 317 21.77 -0.13 13.39
N PRO B 318 20.88 0.77 12.93
CA PRO B 318 19.50 0.39 12.57
C PRO B 318 19.49 -0.63 11.44
N ASP B 319 18.91 -1.79 11.70
CA ASP B 319 18.89 -2.86 10.72
C ASP B 319 20.29 -3.16 10.19
N GLY B 320 21.27 -3.04 11.10
CA GLY B 320 22.66 -3.30 10.78
C GLY B 320 23.37 -2.22 9.98
N ARG B 321 22.68 -1.14 9.67
CA ARG B 321 23.27 -0.07 8.90
C ARG B 321 24.20 0.85 9.69
N ASN B 322 25.32 1.20 9.08
CA ASN B 322 26.32 2.06 9.70
C ASN B 322 25.82 3.42 10.18
N GLN B 323 24.94 4.03 9.40
CA GLN B 323 24.39 5.33 9.75
C GLN B 323 23.10 5.28 10.56
N ASN B 324 23.10 5.98 11.67
CA ASN B 324 21.95 6.04 12.55
C ASN B 324 21.24 7.40 12.47
N PRO B 325 19.91 7.40 12.29
CA PRO B 325 19.18 8.67 12.21
C PRO B 325 19.39 9.56 13.43
N ASP B 326 19.58 10.85 13.19
CA ASP B 326 19.78 11.81 14.26
C ASP B 326 18.47 12.31 14.86
N LEU B 327 17.95 11.59 15.85
CA LEU B 327 16.71 11.97 16.51
C LEU B 327 16.88 13.09 17.54
N THR B 328 18.12 13.31 17.94
CA THR B 328 18.43 14.34 18.92
C THR B 328 18.33 15.76 18.35
N GLY B 329 17.14 16.14 17.91
CA GLY B 329 16.93 17.45 17.35
C GLY B 329 15.51 17.63 16.83
N SER C 3 -11.14 9.51 -28.23
CA SER C 3 -10.70 10.91 -28.51
C SER C 3 -9.40 11.19 -27.74
N PHE C 4 -9.24 12.43 -27.28
CA PHE C 4 -8.06 12.80 -26.54
C PHE C 4 -8.28 14.02 -25.65
N ASN C 5 -7.37 14.22 -24.71
CA ASN C 5 -7.42 15.34 -23.81
C ASN C 5 -6.57 16.50 -24.30
N PRO C 6 -7.09 17.73 -24.26
CA PRO C 6 -6.31 18.89 -24.71
C PRO C 6 -5.19 19.38 -23.79
N PTR C 7 -3.97 19.36 -24.31
CA PTR C 7 -2.79 19.82 -23.60
C PTR C 7 -2.24 21.13 -24.19
O PTR C 7 -2.21 21.30 -25.42
CB PTR C 7 -1.71 18.73 -23.64
CG PTR C 7 -2.04 17.54 -22.74
CD1 PTR C 7 -1.95 17.65 -21.33
CD2 PTR C 7 -2.45 16.31 -23.32
CE1 PTR C 7 -2.27 16.52 -20.54
CE2 PTR C 7 -2.78 15.17 -22.54
CZ PTR C 7 -2.68 15.31 -21.14
OH PTR C 7 -3.00 14.16 -20.33
P PTR C 7 -3.16 12.61 -20.80
O1P PTR C 7 -4.34 12.49 -21.69
O2P PTR C 7 -3.34 11.76 -19.60
O3P PTR C 7 -1.95 12.17 -21.56
N GLU C 8 -1.82 22.06 -23.33
CA GLU C 8 -1.29 23.34 -23.80
C GLU C 8 0.11 23.26 -24.43
N PRO C 9 0.42 24.18 -25.37
CA PRO C 9 1.71 24.23 -26.07
C PRO C 9 2.86 24.81 -25.24
N GLU C 10 3.93 25.21 -25.93
CA GLU C 10 5.10 25.78 -25.28
C GLU C 10 4.84 27.14 -24.62
N LEU C 11 4.49 28.12 -25.46
CA LEU C 11 4.20 29.47 -24.98
C LEU C 11 5.43 30.21 -24.46
N PRO D 25 7.72 -18.29 -11.70
CA PRO D 25 7.00 -17.32 -12.53
C PRO D 25 5.63 -17.85 -12.97
N PRO D 26 4.82 -16.99 -13.62
CA PRO D 26 3.48 -17.39 -14.08
C PRO D 26 3.55 -18.62 -15.00
N GLY D 27 2.52 -19.46 -14.94
CA GLY D 27 2.48 -20.65 -15.75
C GLY D 27 2.58 -20.36 -17.23
N THR D 28 2.85 -21.39 -18.02
CA THR D 28 2.98 -21.25 -19.46
C THR D 28 1.71 -20.75 -20.16
N VAL D 29 1.89 -19.89 -21.16
CA VAL D 29 0.76 -19.35 -21.89
C VAL D 29 0.44 -20.09 -23.19
N ASP D 30 -0.72 -20.71 -23.24
CA ASP D 30 -1.14 -21.43 -24.42
C ASP D 30 -2.41 -20.85 -25.05
N LYS D 31 -2.67 -21.21 -26.30
CA LYS D 31 -3.84 -20.73 -27.00
C LYS D 31 -5.09 -20.71 -26.11
N LYS D 32 -5.15 -21.66 -25.19
CA LYS D 32 -6.27 -21.79 -24.26
C LYS D 32 -6.53 -20.54 -23.41
N MET D 33 -5.68 -20.30 -22.41
CA MET D 33 -5.86 -19.15 -21.54
C MET D 33 -6.01 -17.84 -22.30
N VAL D 34 -5.40 -17.76 -23.48
CA VAL D 34 -5.53 -16.57 -24.29
C VAL D 34 -6.99 -16.33 -24.65
N GLU D 35 -7.69 -17.43 -24.97
CA GLU D 35 -9.10 -17.39 -25.30
C GLU D 35 -9.92 -16.91 -24.09
N LYS D 36 -9.64 -17.52 -22.95
CA LYS D 36 -10.31 -17.17 -21.71
C LYS D 36 -10.12 -15.70 -21.39
N CYS D 37 -8.94 -15.20 -21.76
CA CYS D 37 -8.59 -13.82 -21.57
C CYS D 37 -9.44 -12.88 -22.41
N TRP D 38 -9.57 -13.20 -23.69
CA TRP D 38 -10.38 -12.41 -24.58
C TRP D 38 -11.85 -12.37 -24.16
N LYS D 39 -12.33 -13.49 -23.63
CA LYS D 39 -13.70 -13.55 -23.16
C LYS D 39 -13.91 -12.67 -21.91
N LEU D 40 -12.89 -12.63 -21.07
CA LEU D 40 -12.94 -11.79 -19.89
C LEU D 40 -12.95 -10.32 -20.26
N MET D 41 -12.07 -9.94 -21.19
CA MET D 41 -12.04 -8.57 -21.65
C MET D 41 -13.36 -8.19 -22.30
N ASP D 42 -13.93 -9.13 -23.04
CA ASP D 42 -15.20 -8.91 -23.68
C ASP D 42 -16.30 -8.54 -22.69
N LYS D 43 -16.32 -9.25 -21.57
CA LYS D 43 -17.30 -8.99 -20.54
C LYS D 43 -17.11 -7.62 -19.91
N VAL D 44 -15.85 -7.23 -19.67
CA VAL D 44 -15.59 -5.93 -19.11
C VAL D 44 -16.14 -4.84 -20.03
N VAL D 45 -15.93 -5.02 -21.33
CA VAL D 45 -16.41 -4.07 -22.30
C VAL D 45 -17.94 -3.93 -22.28
N ARG D 46 -18.65 -5.06 -22.30
CA ARG D 46 -20.09 -4.97 -22.26
C ARG D 46 -20.57 -4.35 -20.96
N LEU D 47 -19.87 -4.65 -19.87
CA LEU D 47 -20.18 -4.09 -18.57
C LEU D 47 -20.00 -2.56 -18.56
N CYS D 48 -18.93 -2.11 -19.22
CA CYS D 48 -18.63 -0.69 -19.29
C CYS D 48 -19.43 0.09 -20.32
N GLN D 49 -20.17 -0.63 -21.16
CA GLN D 49 -20.99 0.01 -22.18
C GLN D 49 -22.36 0.42 -21.62
N ASN D 50 -22.59 0.05 -20.36
CA ASN D 50 -23.84 0.39 -19.71
C ASN D 50 -24.10 1.90 -19.72
N PRO D 51 -25.20 2.33 -20.36
CA PRO D 51 -25.53 3.75 -20.42
C PRO D 51 -25.49 4.46 -19.07
N LYS D 52 -25.84 3.75 -18.00
CA LYS D 52 -25.84 4.33 -16.67
C LYS D 52 -24.47 4.86 -16.23
N LEU D 53 -23.40 4.24 -16.70
CA LEU D 53 -22.06 4.68 -16.37
C LEU D 53 -21.70 6.03 -16.95
N ALA D 54 -22.24 6.33 -18.12
CA ALA D 54 -21.95 7.58 -18.78
C ALA D 54 -20.46 7.85 -18.93
N LEU D 55 -19.70 6.80 -19.22
CA LEU D 55 -18.28 6.94 -19.40
C LEU D 55 -17.93 7.89 -20.54
N LYS D 56 -17.15 8.93 -20.26
CA LYS D 56 -16.79 9.84 -21.30
C LYS D 56 -15.59 9.35 -22.12
N ASN D 57 -15.64 9.60 -23.41
CA ASN D 57 -14.58 9.20 -24.31
C ASN D 57 -13.31 10.04 -24.13
N SER D 58 -12.61 9.78 -23.02
CA SER D 58 -11.40 10.47 -22.66
C SER D 58 -10.33 9.52 -22.10
N PRO D 59 -9.07 9.67 -22.53
CA PRO D 59 -8.02 8.78 -22.04
C PRO D 59 -7.86 8.95 -20.52
N PRO D 60 -7.79 7.85 -19.76
CA PRO D 60 -7.84 6.45 -20.21
C PRO D 60 -9.28 6.01 -20.46
N TYR D 61 -9.53 5.51 -21.66
CA TYR D 61 -10.86 5.07 -22.05
C TYR D 61 -10.92 3.56 -22.22
N ILE D 62 -11.46 2.89 -21.21
CA ILE D 62 -11.54 1.45 -21.22
C ILE D 62 -12.21 0.82 -22.44
N LEU D 63 -13.21 1.51 -22.98
CA LEU D 63 -13.91 1.02 -24.15
C LEU D 63 -13.03 0.92 -25.40
N ASP D 64 -11.91 1.62 -25.38
CA ASP D 64 -10.97 1.57 -26.48
C ASP D 64 -9.74 0.72 -26.14
N LEU D 65 -9.29 0.86 -24.90
CA LEU D 65 -8.12 0.14 -24.42
C LEU D 65 -8.24 -1.39 -24.48
N LEU D 66 -9.36 -1.94 -24.03
CA LEU D 66 -9.51 -3.39 -24.07
C LEU D 66 -9.57 -3.95 -25.49
N PRO D 67 -10.39 -3.35 -26.38
CA PRO D 67 -10.46 -3.85 -27.75
C PRO D 67 -9.07 -3.73 -28.40
N ASP D 68 -8.36 -2.64 -28.11
CA ASP D 68 -7.02 -2.42 -28.64
C ASP D 68 -6.02 -3.45 -28.11
N THR D 69 -6.22 -3.87 -26.87
CA THR D 69 -5.35 -4.87 -26.28
C THR D 69 -5.62 -6.24 -26.93
N TYR D 70 -6.89 -6.55 -27.12
CA TYR D 70 -7.28 -7.79 -27.78
C TYR D 70 -6.64 -7.87 -29.15
N GLN D 71 -6.66 -6.73 -29.84
CA GLN D 71 -6.11 -6.62 -31.17
C GLN D 71 -4.59 -6.80 -31.21
N HIS D 72 -3.88 -6.19 -30.27
CA HIS D 72 -2.44 -6.36 -30.27
C HIS D 72 -2.07 -7.80 -29.92
N LEU D 73 -2.87 -8.41 -29.05
CA LEU D 73 -2.64 -9.79 -28.71
C LEU D 73 -2.79 -10.68 -29.94
N ARG D 74 -3.81 -10.39 -30.74
CA ARG D 74 -4.02 -11.14 -31.97
C ARG D 74 -2.81 -11.01 -32.88
N THR D 75 -2.29 -9.79 -32.98
CA THR D 75 -1.13 -9.51 -33.78
C THR D 75 0.07 -10.35 -33.30
N ILE D 76 0.25 -10.40 -32.00
CA ILE D 76 1.33 -11.19 -31.43
C ILE D 76 1.18 -12.68 -31.77
N LEU D 77 -0.01 -13.22 -31.55
CA LEU D 77 -0.26 -14.61 -31.86
C LEU D 77 0.00 -14.90 -33.33
N SER D 78 -0.28 -13.91 -34.17
CA SER D 78 -0.07 -14.04 -35.58
C SER D 78 1.41 -14.21 -35.94
N ARG D 79 2.26 -13.40 -35.32
CA ARG D 79 3.68 -13.47 -35.56
C ARG D 79 4.33 -14.77 -35.11
N TYR D 80 3.72 -15.42 -34.13
CA TYR D 80 4.23 -16.68 -33.63
C TYR D 80 3.43 -17.89 -34.13
N GLU D 81 2.91 -17.76 -35.34
CA GLU D 81 2.13 -18.81 -35.97
C GLU D 81 2.86 -20.16 -35.94
N GLY D 82 2.23 -21.16 -35.36
CA GLY D 82 2.85 -22.48 -35.28
C GLY D 82 3.83 -22.56 -34.13
N LYS D 83 4.68 -21.55 -34.01
CA LYS D 83 5.66 -21.51 -32.94
C LYS D 83 5.13 -20.97 -31.61
N MET D 84 3.90 -21.36 -31.28
CA MET D 84 3.26 -20.93 -30.04
C MET D 84 4.04 -21.32 -28.79
N GLU D 85 4.83 -22.39 -28.89
CA GLU D 85 5.62 -22.85 -27.76
C GLU D 85 6.62 -21.79 -27.29
N THR D 86 7.30 -21.16 -28.23
CA THR D 86 8.26 -20.13 -27.91
C THR D 86 7.62 -18.96 -27.16
N LEU D 87 6.46 -18.53 -27.66
CA LEU D 87 5.72 -17.44 -27.06
C LEU D 87 5.16 -17.77 -25.67
N GLY D 88 4.58 -18.97 -25.55
CA GLY D 88 4.01 -19.39 -24.29
C GLY D 88 5.02 -19.52 -23.18
N GLU D 89 6.30 -19.66 -23.55
CA GLU D 89 7.35 -19.80 -22.57
C GLU D 89 8.01 -18.48 -22.18
N ASN D 90 7.79 -17.45 -22.98
CA ASN D 90 8.35 -16.14 -22.71
C ASN D 90 7.99 -15.60 -21.32
N GLU D 91 9.01 -15.32 -20.52
CA GLU D 91 8.83 -14.82 -19.17
C GLU D 91 7.91 -13.61 -19.04
N TYR D 92 8.20 -12.55 -19.80
CA TYR D 92 7.37 -11.37 -19.76
C TYR D 92 5.93 -11.64 -20.19
N PHE D 93 5.76 -12.37 -21.29
CA PHE D 93 4.42 -12.69 -21.78
C PHE D 93 3.58 -13.46 -20.76
N ARG D 94 4.19 -14.42 -20.08
CA ARG D 94 3.47 -15.18 -19.08
C ARG D 94 2.99 -14.29 -17.92
N VAL D 95 3.85 -13.36 -17.51
CA VAL D 95 3.49 -12.44 -16.45
C VAL D 95 2.38 -11.49 -16.89
N PHE D 96 2.51 -10.99 -18.12
CA PHE D 96 1.50 -10.11 -18.65
C PHE D 96 0.12 -10.76 -18.73
N MET D 97 0.06 -11.96 -19.30
CA MET D 97 -1.19 -12.66 -19.42
C MET D 97 -1.83 -12.98 -18.07
N GLU D 98 -1.00 -13.34 -17.10
CA GLU D 98 -1.50 -13.61 -15.77
C GLU D 98 -2.12 -12.36 -15.15
N ASN D 99 -1.45 -11.23 -15.33
CA ASN D 99 -1.95 -9.99 -14.82
C ASN D 99 -3.24 -9.53 -15.52
N LEU D 100 -3.30 -9.75 -16.83
CA LEU D 100 -4.48 -9.39 -17.60
C LEU D 100 -5.71 -10.17 -17.12
N MET D 101 -5.54 -11.47 -16.89
CA MET D 101 -6.64 -12.25 -16.38
C MET D 101 -7.06 -11.78 -14.99
N LYS D 102 -6.07 -11.45 -14.16
CA LYS D 102 -6.33 -10.99 -12.83
C LYS D 102 -7.07 -9.64 -12.84
N LYS D 103 -6.56 -8.71 -13.65
CA LYS D 103 -7.15 -7.39 -13.73
C LYS D 103 -8.57 -7.38 -14.29
N THR D 104 -8.82 -8.18 -15.32
CA THR D 104 -10.15 -8.24 -15.88
C THR D 104 -11.15 -8.87 -14.89
N LYS D 105 -10.70 -9.92 -14.21
CA LYS D 105 -11.54 -10.52 -13.20
C LYS D 105 -11.84 -9.52 -12.09
N GLN D 106 -10.82 -8.76 -11.71
CA GLN D 106 -11.01 -7.73 -10.69
C GLN D 106 -12.08 -6.73 -11.10
N THR D 107 -12.03 -6.31 -12.36
CA THR D 107 -12.99 -5.36 -12.88
C THR D 107 -14.40 -5.94 -12.93
N ILE D 108 -14.51 -7.20 -13.35
CA ILE D 108 -15.80 -7.85 -13.39
C ILE D 108 -16.39 -7.97 -11.99
N SER D 109 -15.57 -8.34 -11.02
CA SER D 109 -16.02 -8.45 -9.65
C SER D 109 -16.43 -7.10 -9.09
N LEU D 110 -15.71 -6.06 -9.49
CA LEU D 110 -16.02 -4.71 -9.08
C LEU D 110 -17.47 -4.35 -9.40
N PHE D 111 -17.89 -4.67 -10.63
CA PHE D 111 -19.25 -4.40 -11.07
C PHE D 111 -20.29 -5.22 -10.32
N LYS D 112 -20.00 -6.50 -10.09
CA LYS D 112 -20.94 -7.35 -9.39
C LYS D 112 -21.14 -7.00 -7.91
N GLU D 113 -20.06 -6.55 -7.26
CA GLU D 113 -20.12 -6.19 -5.86
C GLU D 113 -20.45 -4.72 -5.62
N GLY D 114 -20.09 -3.87 -6.57
CA GLY D 114 -20.36 -2.44 -6.44
C GLY D 114 -21.82 -2.16 -6.70
N LYS D 115 -22.43 -2.97 -7.55
CA LYS D 115 -23.83 -2.84 -7.89
C LYS D 115 -24.22 -1.44 -8.41
N GLU D 116 -25.28 -0.88 -7.83
CA GLU D 116 -25.74 0.43 -8.23
C GLU D 116 -24.76 1.57 -7.99
N ARG D 117 -23.83 1.36 -7.06
CA ARG D 117 -22.84 2.39 -6.77
C ARG D 117 -21.93 2.71 -7.94
N MET D 118 -21.81 1.76 -8.87
CA MET D 118 -20.98 1.95 -10.06
C MET D 118 -21.42 3.16 -10.89
N TYR D 119 -22.73 3.40 -10.89
CA TYR D 119 -23.30 4.50 -11.64
C TYR D 119 -23.29 5.82 -10.87
N GLU D 120 -22.99 5.73 -9.59
CA GLU D 120 -22.91 6.90 -8.73
C GLU D 120 -21.55 7.58 -8.80
N GLU D 121 -21.49 8.73 -9.48
CA GLU D 121 -20.25 9.45 -9.59
C GLU D 121 -19.66 9.80 -8.22
N ASN D 122 -18.33 9.81 -8.14
CA ASN D 122 -17.62 10.12 -6.90
C ASN D 122 -17.56 8.96 -5.91
N SER D 123 -18.19 7.84 -6.25
CA SER D 123 -18.18 6.67 -5.38
C SER D 123 -16.88 5.89 -5.47
N GLN D 124 -16.57 5.12 -4.42
CA GLN D 124 -15.36 4.34 -4.43
C GLN D 124 -15.30 3.28 -5.53
N PRO D 125 -16.41 2.56 -5.77
CA PRO D 125 -16.40 1.53 -6.82
C PRO D 125 -16.05 2.19 -8.16
N ARG D 126 -16.57 3.39 -8.40
CA ARG D 126 -16.30 4.11 -9.62
C ARG D 126 -14.84 4.57 -9.70
N ARG D 127 -14.30 5.05 -8.58
CA ARG D 127 -12.91 5.46 -8.55
C ARG D 127 -12.01 4.27 -8.84
N ASN D 128 -12.38 3.12 -8.29
CA ASN D 128 -11.61 1.92 -8.53
C ASN D 128 -11.60 1.56 -10.01
N LEU D 129 -12.73 1.78 -10.68
CA LEU D 129 -12.82 1.52 -12.10
C LEU D 129 -11.89 2.45 -12.86
N THR D 130 -11.83 3.70 -12.41
CA THR D 130 -10.95 4.67 -13.03
C THR D 130 -9.50 4.25 -12.89
N LYS D 131 -9.12 3.84 -11.69
CA LYS D 131 -7.76 3.40 -11.49
C LYS D 131 -7.45 2.21 -12.38
N LEU D 132 -8.41 1.29 -12.47
CA LEU D 132 -8.23 0.13 -13.33
C LEU D 132 -8.06 0.54 -14.79
N SER D 133 -8.81 1.55 -15.21
CA SER D 133 -8.69 2.04 -16.57
C SER D 133 -7.27 2.53 -16.85
N LEU D 134 -6.69 3.25 -15.90
CA LEU D 134 -5.31 3.70 -16.04
C LEU D 134 -4.36 2.51 -16.12
N ILE D 135 -4.56 1.53 -15.24
CA ILE D 135 -3.74 0.34 -15.26
C ILE D 135 -3.79 -0.33 -16.64
N PHE D 136 -4.99 -0.45 -17.20
CA PHE D 136 -5.14 -1.05 -18.53
C PHE D 136 -4.37 -0.25 -19.58
N SER D 137 -4.39 1.07 -19.45
CA SER D 137 -3.65 1.91 -20.38
C SER D 137 -2.15 1.65 -20.26
N HIS D 138 -1.66 1.58 -19.03
CA HIS D 138 -0.26 1.33 -18.81
C HIS D 138 0.16 -0.05 -19.32
N MET D 139 -0.73 -1.02 -19.13
CA MET D 139 -0.49 -2.36 -19.59
C MET D 139 -0.36 -2.45 -21.11
N LEU D 140 -1.26 -1.77 -21.81
CA LEU D 140 -1.20 -1.77 -23.26
C LEU D 140 0.08 -1.10 -23.75
N ALA D 141 0.43 0.02 -23.14
CA ALA D 141 1.64 0.73 -23.49
C ALA D 141 2.88 -0.17 -23.34
N GLU D 142 2.93 -0.90 -22.22
CA GLU D 142 4.01 -1.81 -21.94
C GLU D 142 4.08 -2.95 -22.96
N LEU D 143 2.91 -3.54 -23.25
CA LEU D 143 2.83 -4.62 -24.21
C LEU D 143 3.32 -4.22 -25.59
N LYS D 144 2.92 -3.04 -26.05
CA LYS D 144 3.37 -2.55 -27.35
C LYS D 144 4.84 -2.16 -27.34
N GLY D 145 5.35 -1.77 -26.17
CA GLY D 145 6.76 -1.41 -26.07
C GLY D 145 7.67 -2.62 -26.10
N ILE D 146 7.19 -3.74 -25.55
CA ILE D 146 7.95 -4.97 -25.51
C ILE D 146 7.73 -5.84 -26.76
N PHE D 147 6.53 -5.74 -27.33
CA PHE D 147 6.15 -6.46 -28.55
C PHE D 147 5.82 -5.54 -29.72
N PRO D 148 6.77 -4.66 -30.12
CA PRO D 148 6.50 -3.76 -31.25
C PRO D 148 6.26 -4.58 -32.52
N SER D 149 5.12 -4.32 -33.17
CA SER D 149 4.74 -5.03 -34.38
C SER D 149 4.35 -6.49 -34.12
N GLY D 150 4.19 -6.84 -32.85
CA GLY D 150 3.81 -8.19 -32.50
C GLY D 150 4.94 -9.14 -32.16
N LEU D 151 6.19 -8.71 -32.40
CA LEU D 151 7.33 -9.56 -32.11
C LEU D 151 8.11 -9.12 -30.87
N PHE D 152 8.45 -10.08 -30.01
CA PHE D 152 9.19 -9.80 -28.81
C PHE D 152 10.54 -9.13 -29.03
N GLN D 153 10.73 -7.99 -28.37
CA GLN D 153 11.97 -7.24 -28.44
C GLN D 153 12.48 -6.83 -27.07
N GLY D 154 11.93 -7.50 -26.04
CA GLY D 154 12.30 -7.20 -24.68
C GLY D 154 13.79 -7.25 -24.38
N ASP D 155 14.49 -8.23 -24.96
CA ASP D 155 15.91 -8.38 -24.74
C ASP D 155 16.77 -7.23 -25.26
N THR D 156 16.23 -6.45 -26.20
CA THR D 156 16.94 -5.32 -26.76
C THR D 156 16.28 -3.97 -26.46
N PHE D 157 15.35 -3.98 -25.51
CA PHE D 157 14.67 -2.76 -25.13
C PHE D 157 15.61 -1.60 -24.86
N ARG D 158 15.29 -0.45 -25.43
CA ARG D 158 16.11 0.73 -25.26
C ARG D 158 15.69 1.68 -24.15
N ILE D 159 16.40 1.61 -23.02
CA ILE D 159 16.12 2.50 -21.93
C ILE D 159 16.59 3.92 -22.28
N THR D 160 15.70 4.90 -22.14
CA THR D 160 16.01 6.28 -22.49
C THR D 160 17.27 6.89 -21.85
N LYS D 161 17.32 6.95 -20.53
CA LYS D 161 18.47 7.53 -19.85
C LYS D 161 19.66 6.56 -19.79
N ALA D 162 20.81 7.03 -20.29
CA ALA D 162 22.03 6.23 -20.32
C ALA D 162 22.44 5.60 -18.99
N ASP D 163 22.46 6.41 -17.93
CA ASP D 163 22.82 5.92 -16.60
C ASP D 163 21.88 4.81 -16.14
N ALA D 164 20.60 5.02 -16.39
CA ALA D 164 19.61 4.04 -16.02
C ALA D 164 19.79 2.75 -16.79
N ALA D 165 20.03 2.87 -18.09
CA ALA D 165 20.26 1.72 -18.94
C ALA D 165 21.45 0.90 -18.44
N GLU D 166 22.50 1.59 -18.01
CA GLU D 166 23.66 0.92 -17.48
C GLU D 166 23.31 0.12 -16.22
N PHE D 167 22.53 0.72 -15.33
CA PHE D 167 22.14 0.01 -14.14
C PHE D 167 21.35 -1.26 -14.44
N TRP D 168 20.37 -1.14 -15.33
CA TRP D 168 19.59 -2.32 -15.68
C TRP D 168 20.45 -3.43 -16.23
N ARG D 169 21.36 -3.08 -17.14
CA ARG D 169 22.25 -4.06 -17.72
C ARG D 169 23.13 -4.73 -16.66
N LYS D 170 23.68 -3.94 -15.76
CA LYS D 170 24.53 -4.46 -14.70
C LYS D 170 23.80 -5.44 -13.78
N ALA D 171 22.65 -5.00 -13.26
CA ALA D 171 21.90 -5.81 -12.35
C ALA D 171 21.10 -6.96 -12.96
N PHE D 172 20.53 -6.74 -14.14
CA PHE D 172 19.68 -7.75 -14.75
C PHE D 172 20.03 -8.19 -16.18
N GLY D 173 21.17 -7.73 -16.69
CA GLY D 173 21.55 -8.11 -18.04
C GLY D 173 20.50 -7.69 -19.06
N GLU D 174 20.03 -8.67 -19.84
CA GLU D 174 19.02 -8.40 -20.86
C GLU D 174 17.60 -8.79 -20.46
N LYS D 175 17.39 -9.11 -19.18
CA LYS D 175 16.07 -9.48 -18.72
C LYS D 175 15.02 -8.41 -18.99
N THR D 176 13.81 -8.84 -19.31
CA THR D 176 12.71 -7.92 -19.58
C THR D 176 11.85 -7.64 -18.35
N ILE D 177 11.84 -8.59 -17.42
CA ILE D 177 11.05 -8.43 -16.22
C ILE D 177 11.67 -9.11 -15.00
N VAL D 178 11.51 -8.49 -13.84
CA VAL D 178 12.03 -9.03 -12.60
C VAL D 178 11.06 -8.85 -11.43
N PRO D 179 11.09 -9.77 -10.46
CA PRO D 179 10.19 -9.65 -9.30
C PRO D 179 10.53 -8.39 -8.51
N TRP D 180 9.52 -7.78 -7.89
CA TRP D 180 9.76 -6.59 -7.08
C TRP D 180 10.90 -6.74 -6.09
N LYS D 181 10.88 -7.83 -5.33
CA LYS D 181 11.92 -8.09 -4.34
C LYS D 181 13.32 -8.02 -4.95
N SER D 182 13.47 -8.60 -6.12
CA SER D 182 14.75 -8.57 -6.81
C SER D 182 15.14 -7.15 -7.22
N PHE D 183 14.15 -6.41 -7.73
CA PHE D 183 14.41 -5.05 -8.13
C PHE D 183 14.80 -4.16 -6.96
N ARG D 184 14.05 -4.27 -5.86
CA ARG D 184 14.34 -3.49 -4.66
C ARG D 184 15.76 -3.72 -4.16
N GLN D 185 16.14 -4.99 -4.04
CA GLN D 185 17.47 -5.33 -3.58
C GLN D 185 18.55 -4.75 -4.48
N ALA D 186 18.38 -4.93 -5.78
CA ALA D 186 19.34 -4.42 -6.73
C ALA D 186 19.46 -2.91 -6.72
N LEU D 187 18.34 -2.22 -6.71
CA LEU D 187 18.36 -0.78 -6.68
C LEU D 187 19.02 -0.22 -5.42
N HIS D 188 18.71 -0.84 -4.28
CA HIS D 188 19.26 -0.42 -3.01
C HIS D 188 20.79 -0.38 -2.98
N GLU D 189 21.42 -1.26 -3.74
CA GLU D 189 22.87 -1.31 -3.81
C GLU D 189 23.51 -0.02 -4.35
N VAL D 190 22.78 0.67 -5.22
CA VAL D 190 23.27 1.91 -5.83
C VAL D 190 22.56 3.17 -5.30
N HIS D 191 21.26 3.02 -5.04
CA HIS D 191 20.44 4.08 -4.49
C HIS D 191 19.75 3.59 -3.23
N PRO D 192 20.41 3.74 -2.08
CA PRO D 192 19.84 3.28 -0.81
C PRO D 192 18.42 3.72 -0.50
N ILE D 193 17.61 2.75 -0.10
CA ILE D 193 16.25 2.98 0.33
C ILE D 193 16.28 3.04 1.85
N SER D 194 15.82 4.16 2.42
CA SER D 194 15.90 4.36 3.85
C SER D 194 14.99 3.53 4.76
N SER D 195 13.85 3.09 4.26
CA SER D 195 12.95 2.35 5.13
C SER D 195 11.97 1.45 4.41
N GLY D 196 11.29 0.62 5.20
CA GLY D 196 10.29 -0.29 4.65
C GLY D 196 9.14 0.49 4.06
N LEU D 197 8.68 1.52 4.77
CA LEU D 197 7.60 2.34 4.25
C LEU D 197 8.01 3.06 2.96
N GLU D 198 9.27 3.49 2.88
CA GLU D 198 9.73 4.12 1.66
C GLU D 198 9.73 3.13 0.49
N ALA D 199 10.14 1.90 0.78
CA ALA D 199 10.15 0.88 -0.24
C ALA D 199 8.74 0.63 -0.79
N MET D 200 7.74 0.62 0.10
CA MET D 200 6.38 0.42 -0.33
C MET D 200 5.86 1.59 -1.17
N ALA D 201 6.28 2.80 -0.82
CA ALA D 201 5.88 3.95 -1.60
C ALA D 201 6.52 3.89 -2.99
N LEU D 202 7.74 3.39 -3.01
CA LEU D 202 8.46 3.26 -4.27
C LEU D 202 7.76 2.25 -5.16
N LYS D 203 7.46 1.08 -4.60
CA LYS D 203 6.77 0.06 -5.36
C LYS D 203 5.47 0.58 -5.97
N SER D 204 4.69 1.30 -5.16
CA SER D 204 3.44 1.85 -5.64
C SER D 204 3.62 2.81 -6.82
N THR D 205 4.75 3.53 -6.82
CA THR D 205 5.02 4.47 -7.88
C THR D 205 5.51 3.84 -9.19
N ILE D 206 6.44 2.89 -9.08
CA ILE D 206 7.03 2.24 -10.26
C ILE D 206 6.21 1.10 -10.88
N ASP D 207 5.49 0.36 -10.03
CA ASP D 207 4.68 -0.75 -10.49
C ASP D 207 3.37 -0.28 -11.14
N LEU D 208 3.50 0.32 -12.32
CA LEU D 208 2.36 0.85 -13.04
C LEU D 208 1.31 -0.16 -13.44
N THR D 209 1.74 -1.39 -13.73
CA THR D 209 0.79 -2.44 -14.10
C THR D 209 0.26 -3.21 -12.89
N CYS D 210 0.70 -2.80 -11.72
CA CYS D 210 0.29 -3.39 -10.46
C CYS D 210 0.31 -4.92 -10.43
N ASN D 211 1.45 -5.49 -10.82
CA ASN D 211 1.60 -6.93 -10.85
C ASN D 211 2.73 -7.52 -9.99
N ASP D 212 3.31 -6.69 -9.12
CA ASP D 212 4.40 -7.13 -8.24
C ASP D 212 5.70 -7.46 -8.95
N TYR D 213 5.80 -7.03 -10.19
CA TYR D 213 6.98 -7.20 -11.01
C TYR D 213 7.41 -5.86 -11.59
N ILE D 214 8.68 -5.74 -11.96
CA ILE D 214 9.15 -4.54 -12.57
C ILE D 214 9.71 -4.84 -13.95
N SER D 215 9.06 -4.34 -14.99
CA SER D 215 9.54 -4.56 -16.33
C SER D 215 10.54 -3.51 -16.75
N VAL D 216 11.36 -3.82 -17.75
CA VAL D 216 12.32 -2.86 -18.22
C VAL D 216 11.60 -1.59 -18.72
N PHE D 217 10.37 -1.78 -19.19
CA PHE D 217 9.53 -0.68 -19.65
C PHE D 217 9.12 0.21 -18.48
N GLU D 218 8.65 -0.39 -17.39
CA GLU D 218 8.28 0.38 -16.21
C GLU D 218 9.49 1.12 -15.62
N PHE D 219 10.64 0.46 -15.67
CA PHE D 219 11.87 1.08 -15.19
C PHE D 219 12.22 2.30 -16.04
N ASP D 220 12.03 2.18 -17.35
CA ASP D 220 12.30 3.27 -18.25
C ASP D 220 11.42 4.48 -17.91
N ILE D 221 10.13 4.23 -17.72
CA ILE D 221 9.20 5.28 -17.37
C ILE D 221 9.58 5.98 -16.07
N PHE D 222 9.84 5.20 -15.03
CA PHE D 222 10.21 5.78 -13.75
C PHE D 222 11.48 6.63 -13.80
N THR D 223 12.52 6.09 -14.44
CA THR D 223 13.77 6.82 -14.54
C THR D 223 13.68 8.08 -15.42
N ARG D 224 12.76 8.10 -16.37
CA ARG D 224 12.56 9.28 -17.17
C ARG D 224 11.81 10.35 -16.37
N LEU D 225 10.79 9.90 -15.64
CA LEU D 225 10.01 10.79 -14.82
C LEU D 225 10.77 11.41 -13.65
N PHE D 226 11.64 10.61 -13.03
CA PHE D 226 12.38 11.08 -11.88
C PHE D 226 13.87 11.32 -12.08
N GLN D 227 14.25 11.60 -13.33
CA GLN D 227 15.64 11.92 -13.65
C GLN D 227 16.03 13.22 -12.95
N PRO D 228 17.34 13.48 -12.78
CA PRO D 228 18.49 12.67 -13.20
C PRO D 228 18.77 11.46 -12.31
N TRP D 229 19.27 10.41 -12.94
CA TRP D 229 19.60 9.19 -12.26
C TRP D 229 20.53 9.37 -11.06
N SER D 230 21.52 10.25 -11.18
CA SER D 230 22.46 10.48 -10.11
C SER D 230 21.82 10.69 -8.74
N SER D 231 20.64 11.29 -8.73
CA SER D 231 19.92 11.54 -7.49
C SER D 231 18.48 11.00 -7.53
N LEU D 232 18.30 9.93 -8.30
CA LEU D 232 17.00 9.30 -8.51
C LEU D 232 16.01 9.31 -7.35
N LEU D 233 16.35 8.65 -6.25
CA LEU D 233 15.43 8.60 -5.13
C LEU D 233 15.24 9.91 -4.39
N ARG D 234 16.25 10.77 -4.43
CA ARG D 234 16.09 12.06 -3.81
C ARG D 234 15.06 12.86 -4.60
N ASN D 235 15.13 12.76 -5.92
CA ASN D 235 14.19 13.45 -6.78
C ASN D 235 12.77 12.95 -6.54
N TRP D 236 12.62 11.64 -6.51
CA TRP D 236 11.34 11.02 -6.29
C TRP D 236 10.75 11.39 -4.92
N ASN D 237 11.61 11.45 -3.90
CA ASN D 237 11.16 11.82 -2.59
C ASN D 237 10.60 13.26 -2.55
N SER D 238 11.32 14.17 -3.22
CA SER D 238 10.93 15.57 -3.27
C SER D 238 9.76 15.87 -4.20
N LEU D 239 9.64 15.12 -5.28
CA LEU D 239 8.58 15.36 -6.25
C LEU D 239 7.30 14.57 -6.01
N ALA D 240 7.40 13.48 -5.27
CA ALA D 240 6.23 12.63 -5.03
C ALA D 240 5.96 12.22 -3.59
N VAL D 241 6.98 11.74 -2.90
CA VAL D 241 6.78 11.29 -1.54
C VAL D 241 6.31 12.37 -0.55
N THR D 242 6.88 13.56 -0.65
CA THR D 242 6.52 14.66 0.25
C THR D 242 5.92 15.88 -0.43
N HIS D 243 5.53 15.75 -1.69
CA HIS D 243 4.98 16.87 -2.42
C HIS D 243 3.46 16.84 -2.52
N PRO D 244 2.77 17.85 -1.94
CA PRO D 244 1.31 17.85 -2.00
C PRO D 244 0.73 17.94 -3.41
N GLY D 245 1.52 18.40 -4.37
CA GLY D 245 1.03 18.52 -5.74
C GLY D 245 0.96 17.22 -6.52
N TYR D 246 1.72 16.22 -6.12
CA TYR D 246 1.73 14.94 -6.82
C TYR D 246 0.45 14.13 -6.64
N MET D 247 -0.10 13.66 -7.76
CA MET D 247 -1.31 12.85 -7.74
C MET D 247 -1.07 11.52 -8.42
N ALA D 248 -0.85 10.48 -7.62
CA ALA D 248 -0.58 9.16 -8.18
C ALA D 248 -1.48 8.79 -9.37
N PHE D 249 -2.13 7.66 -9.28
CA PHE D 249 -2.99 7.23 -10.35
C PHE D 249 -4.20 8.12 -10.65
N LEU D 250 -3.94 9.33 -11.14
CA LEU D 250 -4.99 10.26 -11.51
C LEU D 250 -5.09 10.54 -13.00
N THR D 251 -6.30 10.77 -13.48
CA THR D 251 -6.52 11.04 -14.88
C THR D 251 -6.71 12.52 -15.19
N TYR D 252 -6.69 12.84 -16.48
CA TYR D 252 -6.89 14.19 -16.92
C TYR D 252 -8.21 14.78 -16.39
N ASP D 253 -9.30 14.02 -16.49
CA ASP D 253 -10.57 14.52 -16.00
C ASP D 253 -10.61 14.69 -14.48
N GLU D 254 -9.95 13.77 -13.76
CA GLU D 254 -9.90 13.87 -12.31
C GLU D 254 -9.15 15.12 -11.85
N VAL D 255 -8.10 15.48 -12.61
CA VAL D 255 -7.34 16.68 -12.29
C VAL D 255 -8.23 17.92 -12.46
N LYS D 256 -8.96 17.96 -13.57
CA LYS D 256 -9.87 19.07 -13.82
C LYS D 256 -10.90 19.19 -12.69
N ALA D 257 -11.44 18.05 -12.30
CA ALA D 257 -12.41 18.00 -11.23
C ALA D 257 -11.83 18.41 -9.87
N ARG D 258 -10.62 17.95 -9.58
CA ARG D 258 -9.97 18.28 -8.32
C ARG D 258 -9.61 19.75 -8.18
N LEU D 259 -9.22 20.38 -9.28
CA LEU D 259 -8.87 21.78 -9.24
C LEU D 259 -10.08 22.72 -9.25
N GLN D 260 -11.26 22.18 -9.54
CA GLN D 260 -12.46 23.01 -9.58
C GLN D 260 -12.74 23.78 -8.27
N LYS D 261 -12.43 23.17 -7.14
CA LYS D 261 -12.64 23.84 -5.87
C LYS D 261 -11.72 25.05 -5.67
N PHE D 262 -10.68 25.12 -6.50
CA PHE D 262 -9.74 26.22 -6.45
C PHE D 262 -9.83 27.15 -7.67
N ILE D 263 -10.97 27.11 -8.35
CA ILE D 263 -11.15 27.91 -9.55
C ILE D 263 -10.98 29.43 -9.34
N HIS D 264 -11.16 29.88 -8.11
CA HIS D 264 -10.99 31.30 -7.79
C HIS D 264 -9.63 31.61 -7.19
N LYS D 265 -8.77 30.60 -7.19
CA LYS D 265 -7.44 30.73 -6.67
C LYS D 265 -6.37 30.44 -7.71
N PRO D 266 -6.16 31.38 -8.64
CA PRO D 266 -5.14 31.19 -9.69
C PRO D 266 -3.80 30.81 -9.08
N GLY D 267 -3.07 29.92 -9.76
CA GLY D 267 -1.79 29.50 -9.23
C GLY D 267 -1.92 28.14 -8.59
N SER D 268 -3.15 27.69 -8.33
CA SER D 268 -3.33 26.36 -7.77
C SER D 268 -2.97 25.32 -8.81
N TYR D 269 -2.20 24.31 -8.41
CA TYR D 269 -1.80 23.31 -9.37
C TYR D 269 -1.55 21.94 -8.75
N ILE D 270 -1.54 20.94 -9.63
CA ILE D 270 -1.24 19.56 -9.30
C ILE D 270 -0.60 18.89 -10.49
N PHE D 271 0.08 17.78 -10.27
CA PHE D 271 0.68 17.07 -11.37
C PHE D 271 0.61 15.56 -11.25
N ARG D 272 0.77 14.90 -12.39
CA ARG D 272 0.63 13.46 -12.45
C ARG D 272 1.27 12.90 -13.70
N LEU D 273 1.32 11.59 -13.80
CA LEU D 273 1.82 10.98 -14.99
C LEU D 273 0.83 11.13 -16.14
N SER D 274 1.33 11.54 -17.31
CA SER D 274 0.50 11.61 -18.48
C SER D 274 0.17 10.18 -18.90
N CYS D 275 -1.07 9.88 -19.25
CA CYS D 275 -1.36 8.51 -19.63
C CYS D 275 -1.12 8.22 -21.13
N THR D 276 -1.27 9.25 -21.97
CA THR D 276 -1.05 9.09 -23.41
C THR D 276 0.40 9.31 -23.83
N ARG D 277 1.17 9.95 -22.96
CA ARG D 277 2.57 10.18 -23.18
C ARG D 277 3.39 9.64 -22.01
N LEU D 278 3.32 8.32 -21.83
CA LEU D 278 4.01 7.67 -20.73
C LEU D 278 5.48 8.02 -20.59
N GLY D 279 5.86 8.43 -19.39
CA GLY D 279 7.24 8.82 -19.15
C GLY D 279 7.33 10.32 -19.03
N GLN D 280 6.20 10.99 -19.27
CA GLN D 280 6.12 12.41 -19.16
C GLN D 280 5.09 12.91 -18.16
N TRP D 281 5.33 14.12 -17.66
CA TRP D 281 4.45 14.72 -16.70
C TRP D 281 3.37 15.60 -17.28
N ALA D 282 2.23 15.62 -16.61
CA ALA D 282 1.15 16.47 -16.98
C ALA D 282 0.83 17.40 -15.81
N ILE D 283 1.07 18.69 -15.98
CA ILE D 283 0.82 19.65 -14.92
C ILE D 283 -0.49 20.40 -15.15
N GLY D 284 -1.39 20.36 -14.17
CA GLY D 284 -2.65 21.06 -14.29
C GLY D 284 -2.66 22.28 -13.39
N TYR D 285 -3.21 23.39 -13.88
CA TYR D 285 -3.23 24.59 -13.07
C TYR D 285 -4.40 25.53 -13.37
N VAL D 286 -4.71 26.37 -12.40
CA VAL D 286 -5.77 27.33 -12.53
C VAL D 286 -5.25 28.69 -13.02
N THR D 287 -5.79 29.15 -14.14
CA THR D 287 -5.38 30.42 -14.71
C THR D 287 -6.08 31.62 -14.07
N ALA D 288 -5.57 32.81 -14.35
CA ALA D 288 -6.17 34.02 -13.80
C ALA D 288 -7.60 34.26 -14.29
N ASP D 289 -7.91 33.79 -15.49
CA ASP D 289 -9.24 33.96 -16.06
C ASP D 289 -10.22 32.82 -15.76
N GLY D 290 -9.88 31.99 -14.78
CA GLY D 290 -10.77 30.91 -14.41
C GLY D 290 -10.78 29.66 -15.28
N ASN D 291 -9.65 29.33 -15.89
CA ASN D 291 -9.57 28.14 -16.69
C ASN D 291 -8.62 27.12 -16.08
N ILE D 292 -8.94 25.85 -16.23
CA ILE D 292 -8.07 24.81 -15.74
C ILE D 292 -7.36 24.17 -16.93
N LEU D 293 -6.08 24.49 -17.08
CA LEU D 293 -5.30 23.97 -18.18
C LEU D 293 -4.28 22.94 -17.75
N GLN D 294 -3.91 22.06 -18.68
CA GLN D 294 -2.92 21.06 -18.40
C GLN D 294 -1.87 21.03 -19.50
N THR D 295 -0.60 20.95 -19.08
CA THR D 295 0.49 20.95 -20.00
C THR D 295 1.54 19.89 -19.71
N ILE D 296 2.23 19.47 -20.76
CA ILE D 296 3.28 18.48 -20.66
C ILE D 296 4.65 19.10 -20.98
N PRO D 297 5.49 19.31 -19.95
CA PRO D 297 6.82 19.89 -20.09
C PRO D 297 7.59 19.53 -21.37
N HIS D 298 8.12 20.56 -22.02
CA HIS D 298 8.87 20.39 -23.25
C HIS D 298 10.38 20.52 -23.09
N ASN D 299 11.09 19.41 -23.25
CA ASN D 299 12.54 19.37 -23.11
C ASN D 299 13.07 19.92 -21.78
N LYS D 300 12.52 19.40 -20.69
CA LYS D 300 12.95 19.83 -19.36
C LYS D 300 12.41 18.98 -18.22
N PRO D 301 13.28 18.61 -17.26
CA PRO D 301 12.90 17.80 -16.10
C PRO D 301 11.86 18.52 -15.25
N LEU D 302 11.04 17.76 -14.52
CA LEU D 302 10.02 18.36 -13.70
C LEU D 302 10.50 19.49 -12.80
N PHE D 303 11.66 19.31 -12.15
CA PHE D 303 12.20 20.33 -11.28
C PHE D 303 12.22 21.72 -11.91
N GLN D 304 12.78 21.79 -13.12
CA GLN D 304 12.87 23.05 -13.83
C GLN D 304 11.50 23.64 -14.21
N ALA D 305 10.59 22.77 -14.65
CA ALA D 305 9.27 23.22 -15.01
C ALA D 305 8.53 23.82 -13.81
N LEU D 306 8.64 23.15 -12.67
CA LEU D 306 8.01 23.62 -11.45
C LEU D 306 8.64 24.89 -10.91
N ILE D 307 9.98 24.94 -10.92
CA ILE D 307 10.68 26.12 -10.47
C ILE D 307 10.35 27.34 -11.32
N ASP D 308 10.37 27.19 -12.64
CA ASP D 308 10.05 28.29 -13.51
C ASP D 308 8.57 28.69 -13.38
N GLY D 309 7.71 27.69 -13.32
CA GLY D 309 6.28 27.94 -13.18
C GLY D 309 5.97 28.64 -11.88
N PHE D 310 6.73 28.32 -10.84
CA PHE D 310 6.54 28.95 -9.55
C PHE D 310 6.87 30.45 -9.64
N ARG D 311 8.04 30.75 -10.18
CA ARG D 311 8.43 32.13 -10.34
C ARG D 311 7.45 32.92 -11.19
N GLU D 312 7.06 32.33 -12.32
CA GLU D 312 6.13 32.97 -13.22
C GLU D 312 4.79 33.27 -12.54
N GLY D 313 4.35 32.34 -11.69
CA GLY D 313 3.10 32.52 -10.97
C GLY D 313 2.04 31.49 -11.33
N PHE D 314 2.40 30.55 -12.19
CA PHE D 314 1.48 29.51 -12.61
C PHE D 314 1.33 28.36 -11.61
N TYR D 315 2.44 27.97 -11.00
CA TYR D 315 2.44 26.88 -10.05
C TYR D 315 2.82 27.35 -8.64
N LEU D 316 1.85 27.97 -7.97
CA LEU D 316 2.07 28.51 -6.64
C LEU D 316 1.52 27.71 -5.46
N PHE D 317 0.33 27.15 -5.63
CA PHE D 317 -0.32 26.42 -4.56
C PHE D 317 -0.59 24.97 -4.90
N PRO D 318 0.29 24.07 -4.44
CA PRO D 318 0.13 22.64 -4.72
C PRO D 318 -1.15 22.11 -4.09
N ASP D 319 -2.04 21.57 -4.93
CA ASP D 319 -3.32 21.09 -4.47
C ASP D 319 -4.06 22.15 -3.67
N GLY D 320 -3.88 23.40 -4.09
CA GLY D 320 -4.54 24.53 -3.44
C GLY D 320 -3.93 25.01 -2.14
N ARG D 321 -2.89 24.33 -1.67
CA ARG D 321 -2.27 24.70 -0.41
C ARG D 321 -1.38 25.96 -0.49
N ASN D 322 -1.44 26.79 0.55
CA ASN D 322 -0.68 28.03 0.61
C ASN D 322 0.84 27.87 0.51
N GLN D 323 1.37 26.81 1.11
CA GLN D 323 2.80 26.55 1.10
C GLN D 323 3.27 25.65 -0.04
N ASN D 324 4.29 26.11 -0.77
CA ASN D 324 4.85 25.36 -1.86
C ASN D 324 6.23 24.80 -1.52
N PRO D 325 6.45 23.50 -1.78
CA PRO D 325 7.76 22.89 -1.47
C PRO D 325 8.92 23.67 -2.10
N ASP D 326 10.03 23.77 -1.39
CA ASP D 326 11.20 24.46 -1.89
C ASP D 326 12.13 23.52 -2.66
N LEU D 327 11.88 23.37 -3.95
CA LEU D 327 12.70 22.50 -4.78
C LEU D 327 14.01 23.13 -5.21
N THR D 328 14.07 24.46 -5.14
CA THR D 328 15.26 25.18 -5.53
C THR D 328 16.42 25.03 -4.53
N GLY D 329 16.90 23.80 -4.38
CA GLY D 329 17.99 23.53 -3.47
C GLY D 329 18.27 22.05 -3.34
#